data_1CR5
#
_entry.id   1CR5
#
_cell.length_a   93.710
_cell.length_b   32.140
_cell.length_c   94.850
_cell.angle_alpha   90.00
_cell.angle_beta   118.70
_cell.angle_gamma   90.00
#
_symmetry.space_group_name_H-M   'P 1 21 1'
#
loop_
_entity.id
_entity.type
_entity.pdbx_description
1 polymer 'SEC18P (RESIDUES 22 - 210)'
2 non-polymer 1-ETHYL-PYRROLIDINE-2,5-DIONE
3 water water
#
_entity_poly.entity_id   1
_entity_poly.type   'polypeptide(L)'
_entity_poly.pdbx_seq_one_letter_code
;MDTRTRHLKVSNCPNNSYALANVAAVSPNDFPNNIYIIIDNLFVFTTRHSNDIPPGTIGFNGNQRTWGGWSLNQDVQAKA
FDLFKYSGKQSYLGSIDIDISFRARGKAVSTVFDQDELAKQFVRCYESQIFSPTQYLIMEFQGHFFDLKIRNVQAIDLGD
IEPTSAVATGIETKGILTKQTQINFFKGR
;
_entity_poly.pdbx_strand_id   A,B,C
#
# COMPACT_ATOMS: atom_id res chain seq x y z
N THR A 5 -12.09 4.21 -0.70
CA THR A 5 -11.01 4.36 -1.72
C THR A 5 -11.54 4.22 -3.15
N ARG A 6 -11.55 5.33 -3.89
CA ARG A 6 -12.05 5.41 -5.26
C ARG A 6 -10.96 5.28 -6.31
N HIS A 7 -11.33 4.75 -7.46
CA HIS A 7 -10.41 4.61 -8.58
C HIS A 7 -10.98 5.55 -9.61
N LEU A 8 -10.18 6.54 -9.99
CA LEU A 8 -10.65 7.54 -10.95
C LEU A 8 -9.66 7.79 -12.08
N LYS A 9 -10.19 8.16 -13.23
CA LYS A 9 -9.36 8.47 -14.39
C LYS A 9 -9.17 9.98 -14.49
N VAL A 10 -7.93 10.40 -14.70
CA VAL A 10 -7.59 11.80 -14.81
C VAL A 10 -8.04 12.42 -16.13
N SER A 11 -8.67 13.58 -16.03
CA SER A 11 -9.12 14.31 -17.22
C SER A 11 -8.69 15.75 -17.04
N ASN A 12 -8.56 16.46 -18.16
CA ASN A 12 -8.15 17.86 -18.14
C ASN A 12 -9.34 18.71 -17.67
N CYS A 13 -9.06 19.74 -16.89
CA CYS A 13 -10.10 20.63 -16.36
C CYS A 13 -9.55 22.04 -16.49
N PRO A 14 -9.62 22.62 -17.70
CA PRO A 14 -9.13 23.97 -17.96
C PRO A 14 -10.08 25.13 -17.64
N ASN A 15 -11.34 24.84 -17.30
CA ASN A 15 -12.29 25.90 -17.00
C ASN A 15 -11.80 26.68 -15.79
N ASN A 16 -11.69 28.01 -15.91
CA ASN A 16 -11.19 28.84 -14.81
C ASN A 16 -11.87 28.74 -13.45
N SER A 17 -13.12 28.28 -13.41
CA SER A 17 -13.79 28.16 -12.10
C SER A 17 -13.07 27.10 -11.29
N TYR A 18 -12.42 26.17 -11.98
CA TYR A 18 -11.70 25.09 -11.31
C TYR A 18 -10.18 25.27 -11.40
N ALA A 19 -9.69 25.45 -12.62
CA ALA A 19 -8.26 25.59 -12.88
C ALA A 19 -7.50 26.61 -12.02
N LEU A 20 -8.19 27.66 -11.57
CA LEU A 20 -7.55 28.71 -10.79
C LEU A 20 -7.81 28.52 -9.29
N ALA A 21 -8.69 27.61 -8.94
CA ALA A 21 -9.04 27.38 -7.55
C ALA A 21 -8.22 26.27 -6.88
N ASN A 22 -7.33 25.66 -7.64
CA ASN A 22 -6.48 24.57 -7.15
C ASN A 22 -7.30 23.51 -6.43
N VAL A 23 -8.27 22.92 -7.12
CA VAL A 23 -9.10 21.91 -6.52
C VAL A 23 -9.08 20.67 -7.40
N ALA A 24 -9.66 19.61 -6.88
CA ALA A 24 -9.77 18.36 -7.63
C ALA A 24 -11.24 18.30 -8.02
N ALA A 25 -11.53 18.42 -9.31
CA ALA A 25 -12.90 18.38 -9.78
C ALA A 25 -13.40 16.93 -9.71
N VAL A 26 -14.45 16.70 -8.95
CA VAL A 26 -15.00 15.34 -8.82
C VAL A 26 -16.49 15.30 -9.05
N SER A 27 -17.00 14.09 -9.31
CA SER A 27 -18.43 13.89 -9.52
C SER A 27 -19.07 13.87 -8.14
N PRO A 28 -20.29 14.40 -8.02
CA PRO A 28 -20.98 14.42 -6.73
C PRO A 28 -21.14 13.05 -6.10
N ASN A 29 -21.17 12.00 -6.92
CA ASN A 29 -21.34 10.64 -6.39
C ASN A 29 -20.05 9.89 -6.11
N ASP A 30 -18.91 10.53 -6.29
CA ASP A 30 -17.64 9.87 -6.00
C ASP A 30 -17.11 10.37 -4.66
N PHE A 31 -17.26 11.67 -4.42
CA PHE A 31 -16.79 12.30 -3.19
C PHE A 31 -17.66 13.48 -2.81
N PRO A 32 -17.73 13.80 -1.50
CA PRO A 32 -18.54 14.96 -1.13
C PRO A 32 -17.76 16.21 -1.54
N ASN A 33 -18.43 17.35 -1.52
CA ASN A 33 -17.77 18.60 -1.91
C ASN A 33 -16.94 19.23 -0.80
N ASN A 34 -15.87 19.92 -1.20
CA ASN A 34 -15.02 20.63 -0.26
C ASN A 34 -14.44 19.83 0.91
N ILE A 35 -13.91 18.64 0.63
CA ILE A 35 -13.27 17.83 1.65
C ILE A 35 -11.87 17.55 1.13
N TYR A 36 -10.99 17.05 2.00
CA TYR A 36 -9.65 16.73 1.56
C TYR A 36 -9.60 15.30 1.04
N ILE A 37 -8.90 15.09 -0.07
CA ILE A 37 -8.71 13.74 -0.59
C ILE A 37 -7.23 13.61 -0.93
N ILE A 38 -6.72 12.39 -0.92
CA ILE A 38 -5.33 12.16 -1.24
C ILE A 38 -5.26 11.20 -2.41
N ILE A 39 -4.47 11.54 -3.42
CA ILE A 39 -4.36 10.70 -4.59
C ILE A 39 -3.02 9.96 -4.65
N ASP A 40 -3.10 8.64 -4.86
CA ASP A 40 -1.92 7.79 -4.95
C ASP A 40 -1.05 7.88 -3.69
N ASN A 41 -1.70 8.06 -2.54
CA ASN A 41 -1.00 8.14 -1.26
C ASN A 41 0.03 9.26 -1.15
N LEU A 42 -0.11 10.30 -1.96
CA LEU A 42 0.86 11.39 -1.91
C LEU A 42 0.29 12.79 -2.11
N PHE A 43 -0.60 12.94 -3.08
CA PHE A 43 -1.14 14.24 -3.42
C PHE A 43 -2.49 14.58 -2.81
N VAL A 44 -2.49 15.62 -2.00
CA VAL A 44 -3.69 16.07 -1.32
C VAL A 44 -4.31 17.29 -1.97
N PHE A 45 -5.61 17.23 -2.19
CA PHE A 45 -6.34 18.34 -2.80
C PHE A 45 -7.67 18.46 -2.10
N THR A 46 -8.30 19.63 -2.26
CA THR A 46 -9.61 19.87 -1.72
C THR A 46 -10.53 19.55 -2.89
N THR A 47 -11.63 18.87 -2.62
CA THR A 47 -12.56 18.51 -3.69
C THR A 47 -13.54 19.60 -4.06
N ARG A 48 -14.03 19.52 -5.30
CA ARG A 48 -15.05 20.43 -5.78
C ARG A 48 -15.96 19.69 -6.72
N HIS A 49 -17.24 19.68 -6.39
CA HIS A 49 -18.21 19.01 -7.22
C HIS A 49 -18.31 19.68 -8.58
N SER A 50 -18.62 18.87 -9.59
CA SER A 50 -18.79 19.32 -10.95
C SER A 50 -19.85 18.42 -11.58
N ASN A 51 -20.83 19.03 -12.23
CA ASN A 51 -21.88 18.26 -12.87
C ASN A 51 -21.48 17.87 -14.29
N ASP A 52 -20.39 18.45 -14.77
CA ASP A 52 -19.89 18.16 -16.12
C ASP A 52 -18.71 17.21 -16.11
N ILE A 53 -18.55 16.45 -15.04
CA ILE A 53 -17.45 15.50 -14.94
C ILE A 53 -18.00 14.10 -14.70
N PRO A 54 -17.77 13.18 -15.66
CA PRO A 54 -18.23 11.79 -15.60
C PRO A 54 -17.90 11.07 -14.30
N PRO A 55 -18.91 10.42 -13.69
CA PRO A 55 -18.66 9.71 -12.45
C PRO A 55 -17.56 8.67 -12.72
N GLY A 56 -16.48 8.71 -11.94
CA GLY A 56 -15.40 7.78 -12.16
C GLY A 56 -14.18 8.49 -12.70
N THR A 57 -14.28 9.79 -12.92
CA THR A 57 -13.15 10.56 -13.41
C THR A 57 -12.87 11.69 -12.44
N ILE A 58 -11.68 12.27 -12.55
CA ILE A 58 -11.28 13.36 -11.68
C ILE A 58 -10.52 14.37 -12.54
N GLY A 59 -10.94 15.64 -12.47
CA GLY A 59 -10.31 16.66 -13.28
C GLY A 59 -9.26 17.53 -12.63
N PHE A 60 -8.16 17.73 -13.34
CA PHE A 60 -7.05 18.53 -12.85
C PHE A 60 -6.54 19.43 -13.98
N ASN A 61 -5.94 20.55 -13.63
CA ASN A 61 -5.39 21.43 -14.64
C ASN A 61 -4.01 20.86 -15.00
N GLY A 62 -3.35 21.45 -15.99
CA GLY A 62 -2.04 20.96 -16.41
C GLY A 62 -0.99 20.88 -15.34
N ASN A 63 -0.91 21.89 -14.47
CA ASN A 63 0.08 21.91 -13.41
C ASN A 63 -0.13 20.82 -12.36
N GLN A 64 -1.38 20.60 -11.96
CA GLN A 64 -1.68 19.58 -10.97
C GLN A 64 -1.30 18.21 -11.54
N ARG A 65 -1.53 18.00 -12.83
CA ARG A 65 -1.20 16.73 -13.46
C ARG A 65 0.31 16.56 -13.52
N THR A 66 1.02 17.65 -13.81
CA THR A 66 2.47 17.59 -13.85
C THR A 66 2.98 17.20 -12.46
N TRP A 67 2.37 17.79 -11.43
CA TRP A 67 2.78 17.51 -10.07
C TRP A 67 2.57 16.03 -9.71
N GLY A 68 1.40 15.50 -10.03
CA GLY A 68 1.14 14.11 -9.74
C GLY A 68 1.80 13.14 -10.72
N GLY A 69 2.33 13.67 -11.82
CA GLY A 69 2.95 12.83 -12.82
C GLY A 69 1.88 12.00 -13.52
N TRP A 70 0.67 12.56 -13.61
CA TRP A 70 -0.43 11.84 -14.26
C TRP A 70 -0.65 12.30 -15.70
N SER A 71 -0.87 11.34 -16.58
CA SER A 71 -1.15 11.64 -17.98
C SER A 71 -2.67 11.53 -18.11
N LEU A 72 -3.21 12.03 -19.22
CA LEU A 72 -4.66 11.96 -19.41
C LEU A 72 -5.15 10.52 -19.40
N ASN A 73 -6.29 10.30 -18.74
CA ASN A 73 -6.90 8.97 -18.64
C ASN A 73 -6.18 8.04 -17.66
N GLN A 74 -5.03 8.45 -17.16
CA GLN A 74 -4.29 7.61 -16.22
C GLN A 74 -5.15 7.27 -15.01
N ASP A 75 -5.26 5.98 -14.69
CA ASP A 75 -5.99 5.61 -13.54
C ASP A 75 -5.33 6.10 -12.27
N VAL A 76 -6.08 6.46 -11.27
CA VAL A 76 -5.48 6.99 -10.06
C VAL A 76 -6.31 6.54 -8.85
N GLN A 77 -5.67 6.49 -7.68
CA GLN A 77 -6.35 6.07 -6.44
C GLN A 77 -6.62 7.26 -5.55
N ALA A 78 -7.87 7.42 -5.13
CA ALA A 78 -8.23 8.54 -4.28
C ALA A 78 -8.94 8.14 -3.00
N LYS A 79 -8.56 8.77 -1.90
CA LYS A 79 -9.17 8.47 -0.60
C LYS A 79 -9.41 9.74 0.20
N ALA A 80 -10.44 9.73 1.03
CA ALA A 80 -10.72 10.86 1.90
C ALA A 80 -9.44 11.01 2.71
N PHE A 81 -9.05 12.24 3.01
CA PHE A 81 -7.82 12.49 3.75
C PHE A 81 -8.09 13.16 5.09
N ASP A 82 -7.42 12.67 6.13
CA ASP A 82 -7.56 13.18 7.50
C ASP A 82 -6.19 13.70 7.95
N LEU A 83 -6.02 15.02 7.91
CA LEU A 83 -4.75 15.65 8.27
C LEU A 83 -4.29 15.31 9.69
N PHE A 84 -5.21 15.34 10.65
CA PHE A 84 -4.82 15.01 12.01
C PHE A 84 -4.23 13.61 12.02
N LYS A 85 -4.97 12.68 11.44
CA LYS A 85 -4.52 11.29 11.38
C LYS A 85 -3.13 11.25 10.75
N TYR A 86 -2.96 11.99 9.68
CA TYR A 86 -1.69 12.02 8.96
C TYR A 86 -0.49 12.59 9.72
N SER A 87 -0.61 13.82 10.20
CA SER A 87 0.50 14.46 10.90
C SER A 87 0.23 14.98 12.31
N GLY A 88 -0.92 14.62 12.89
CA GLY A 88 -1.23 15.08 14.23
C GLY A 88 -1.28 16.59 14.44
N LYS A 89 -0.56 17.07 15.45
CA LYS A 89 -0.53 18.49 15.78
C LYS A 89 0.18 19.38 14.76
N GLN A 90 1.30 18.91 14.20
CA GLN A 90 2.05 19.69 13.21
C GLN A 90 1.21 19.74 11.93
N SER A 91 0.02 20.32 12.02
CA SER A 91 -0.89 20.38 10.89
C SER A 91 -1.11 21.71 10.20
N TYR A 92 -0.61 22.80 10.77
CA TYR A 92 -0.85 24.08 10.13
C TYR A 92 0.38 24.70 9.49
N LEU A 93 0.16 25.57 8.51
CA LEU A 93 1.31 26.18 7.86
C LEU A 93 1.70 27.50 8.51
N GLY A 94 2.89 27.52 9.08
CA GLY A 94 3.39 28.74 9.72
C GLY A 94 3.94 29.63 8.62
N SER A 95 4.51 29.01 7.61
CA SER A 95 5.05 29.75 6.47
C SER A 95 5.10 28.85 5.27
N ILE A 96 5.23 29.47 4.11
CA ILE A 96 5.29 28.73 2.86
C ILE A 96 6.06 29.58 1.85
N ASP A 97 7.06 28.98 1.21
CA ASP A 97 7.90 29.68 0.24
C ASP A 97 7.48 29.21 -1.14
N ILE A 98 7.20 30.16 -2.02
CA ILE A 98 6.73 29.82 -3.34
C ILE A 98 7.53 30.40 -4.49
N ASP A 99 7.86 29.54 -5.45
CA ASP A 99 8.56 29.95 -6.65
C ASP A 99 7.44 30.34 -7.61
N ILE A 100 7.40 31.62 -7.99
CA ILE A 100 6.35 32.10 -8.88
C ILE A 100 6.89 32.64 -10.19
N SER A 101 6.22 32.32 -11.28
CA SER A 101 6.63 32.78 -12.59
C SER A 101 5.43 32.93 -13.52
N PHE A 102 5.58 33.75 -14.55
CA PHE A 102 4.50 33.94 -15.51
C PHE A 102 4.26 32.65 -16.27
N ARG A 103 2.99 32.32 -16.48
CA ARG A 103 2.59 31.12 -17.19
C ARG A 103 3.18 31.22 -18.60
N ALA A 104 3.52 30.07 -19.19
CA ALA A 104 4.08 30.03 -20.54
C ALA A 104 3.40 31.00 -21.50
N VAL A 112 4.75 44.22 -12.40
CA VAL A 112 5.23 44.71 -11.10
C VAL A 112 5.07 43.62 -10.04
N PHE A 113 6.18 43.23 -9.42
CA PHE A 113 6.18 42.19 -8.40
C PHE A 113 5.82 42.71 -7.02
N ASP A 114 4.60 42.42 -6.56
CA ASP A 114 4.13 42.85 -5.27
C ASP A 114 3.97 41.67 -4.33
N GLN A 115 4.92 41.49 -3.41
CA GLN A 115 4.89 40.36 -2.46
C GLN A 115 3.65 40.35 -1.60
N ASP A 116 3.35 41.49 -0.99
CA ASP A 116 2.18 41.61 -0.11
C ASP A 116 0.86 41.35 -0.82
N GLU A 117 0.75 41.80 -2.06
CA GLU A 117 -0.47 41.58 -2.82
C GLU A 117 -0.59 40.15 -3.31
N LEU A 118 0.53 39.56 -3.71
CA LEU A 118 0.52 38.17 -4.16
C LEU A 118 0.11 37.30 -2.97
N ALA A 119 0.62 37.64 -1.79
CA ALA A 119 0.30 36.88 -0.59
C ALA A 119 -1.19 36.96 -0.26
N LYS A 120 -1.77 38.16 -0.37
CA LYS A 120 -3.20 38.32 -0.09
C LYS A 120 -4.02 37.44 -1.03
N GLN A 121 -3.74 37.55 -2.31
CA GLN A 121 -4.46 36.78 -3.31
C GLN A 121 -4.34 35.28 -3.02
N PHE A 122 -3.17 34.86 -2.56
CA PHE A 122 -2.95 33.45 -2.27
C PHE A 122 -3.87 32.99 -1.14
N VAL A 123 -3.90 33.77 -0.06
CA VAL A 123 -4.75 33.44 1.08
C VAL A 123 -6.21 33.53 0.64
N ARG A 124 -6.52 34.50 -0.20
CA ARG A 124 -7.90 34.67 -0.65
C ARG A 124 -8.40 33.48 -1.46
N CYS A 125 -7.56 32.99 -2.37
CA CYS A 125 -7.97 31.88 -3.19
C CYS A 125 -7.83 30.52 -2.53
N TYR A 126 -6.82 30.34 -1.70
CA TYR A 126 -6.59 29.00 -1.14
C TYR A 126 -6.68 28.76 0.35
N GLU A 127 -7.18 29.72 1.11
CA GLU A 127 -7.30 29.54 2.55
C GLU A 127 -7.97 28.21 2.89
N SER A 128 -7.43 27.53 3.90
CA SER A 128 -7.96 26.23 4.36
C SER A 128 -7.56 25.06 3.48
N GLN A 129 -6.82 25.35 2.42
CA GLN A 129 -6.36 24.28 1.55
C GLN A 129 -5.08 23.75 2.14
N ILE A 130 -4.78 22.49 1.83
CA ILE A 130 -3.57 21.85 2.30
C ILE A 130 -2.51 22.00 1.21
N PHE A 131 -1.29 22.28 1.63
CA PHE A 131 -0.19 22.44 0.68
C PHE A 131 1.00 21.64 1.18
N SER A 132 1.87 21.28 0.27
CA SER A 132 3.06 20.54 0.63
C SER A 132 4.19 20.90 -0.34
N PRO A 133 5.44 20.78 0.12
CA PRO A 133 6.57 21.09 -0.74
C PRO A 133 6.42 20.31 -2.06
N THR A 134 6.95 20.88 -3.13
CA THR A 134 6.89 20.32 -4.49
C THR A 134 5.56 20.56 -5.20
N GLN A 135 4.51 20.87 -4.45
CA GLN A 135 3.21 21.09 -5.08
C GLN A 135 3.29 22.18 -6.14
N TYR A 136 2.67 21.90 -7.28
CA TYR A 136 2.65 22.79 -8.44
C TYR A 136 1.20 23.22 -8.66
N LEU A 137 0.95 24.53 -8.74
CA LEU A 137 -0.41 25.00 -8.96
C LEU A 137 -0.43 26.26 -9.81
N ILE A 138 -1.62 26.63 -10.26
CA ILE A 138 -1.80 27.82 -11.08
C ILE A 138 -2.60 28.86 -10.31
N MET A 139 -2.13 30.09 -10.31
CA MET A 139 -2.83 31.16 -9.63
C MET A 139 -2.92 32.36 -10.53
N GLU A 140 -4.10 32.98 -10.52
CA GLU A 140 -4.36 34.15 -11.32
C GLU A 140 -4.14 35.35 -10.42
N PHE A 141 -3.54 36.39 -10.98
CA PHE A 141 -3.28 37.60 -10.22
C PHE A 141 -3.36 38.80 -11.15
N GLN A 142 -4.38 39.61 -10.93
CA GLN A 142 -4.60 40.82 -11.71
C GLN A 142 -4.51 40.58 -13.22
N GLY A 143 -5.34 39.67 -13.71
CA GLY A 143 -5.38 39.38 -15.13
C GLY A 143 -4.29 38.50 -15.69
N HIS A 144 -3.33 38.13 -14.85
CA HIS A 144 -2.24 37.27 -15.32
C HIS A 144 -2.24 35.92 -14.61
N PHE A 145 -1.82 34.89 -15.32
CA PHE A 145 -1.75 33.56 -14.76
C PHE A 145 -0.29 33.29 -14.38
N PHE A 146 -0.08 32.62 -13.26
CA PHE A 146 1.27 32.31 -12.82
C PHE A 146 1.36 30.86 -12.40
N ASP A 147 2.56 30.30 -12.51
CA ASP A 147 2.81 28.94 -12.09
C ASP A 147 3.46 29.05 -10.72
N LEU A 148 2.88 28.38 -9.75
CA LEU A 148 3.43 28.42 -8.40
C LEU A 148 3.94 27.03 -8.03
N LYS A 149 5.15 26.99 -7.52
CA LYS A 149 5.75 25.74 -7.08
C LYS A 149 6.07 25.94 -5.62
N ILE A 150 5.49 25.12 -4.75
CA ILE A 150 5.77 25.25 -3.33
C ILE A 150 7.18 24.73 -3.08
N ARG A 151 8.08 25.64 -2.71
CA ARG A 151 9.46 25.27 -2.46
C ARG A 151 9.61 24.55 -1.13
N ASN A 152 9.16 25.20 -0.06
CA ASN A 152 9.24 24.59 1.25
C ASN A 152 8.11 25.07 2.11
N VAL A 153 7.92 24.38 3.20
CA VAL A 153 6.87 24.66 4.17
C VAL A 153 7.40 24.62 5.61
N GLN A 154 6.74 25.28 6.51
CA GLN A 154 7.15 25.24 7.91
C GLN A 154 5.87 24.83 8.61
N ALA A 155 5.77 23.55 8.93
CA ALA A 155 4.59 23.02 9.60
C ALA A 155 4.67 23.38 11.08
N ILE A 156 3.51 23.67 11.68
CA ILE A 156 3.50 24.05 13.09
C ILE A 156 2.25 23.57 13.80
N ASP A 157 2.34 23.53 15.11
CA ASP A 157 1.21 23.17 15.95
C ASP A 157 0.83 24.58 16.40
N LEU A 158 -0.41 24.97 16.18
CA LEU A 158 -0.86 26.30 16.56
C LEU A 158 -0.78 26.48 18.09
N GLY A 159 -0.63 25.38 18.81
CA GLY A 159 -0.55 25.44 20.25
C GLY A 159 0.82 25.86 20.78
N ASP A 160 1.83 25.87 19.91
CA ASP A 160 3.17 26.24 20.33
C ASP A 160 3.53 27.67 19.95
N ILE A 161 4.27 28.35 20.82
CA ILE A 161 4.67 29.72 20.56
C ILE A 161 5.73 29.80 19.48
N GLU A 162 6.18 28.65 19.01
CA GLU A 162 7.22 28.60 17.98
C GLU A 162 7.27 27.21 17.38
N PRO A 163 7.70 27.09 16.12
CA PRO A 163 7.76 25.77 15.50
C PRO A 163 8.77 24.85 16.16
N THR A 164 8.38 23.59 16.34
CA THR A 164 9.27 22.61 16.94
C THR A 164 10.05 21.95 15.81
N SER A 165 9.43 21.88 14.64
CA SER A 165 10.06 21.30 13.49
C SER A 165 10.65 22.39 12.61
N ALA A 166 11.62 21.98 11.81
CA ALA A 166 12.35 22.82 10.89
C ALA A 166 11.61 22.95 9.56
N VAL A 167 12.09 23.88 8.73
CA VAL A 167 11.52 24.10 7.40
C VAL A 167 11.61 22.77 6.66
N ALA A 168 10.52 22.38 6.00
CA ALA A 168 10.48 21.11 5.28
C ALA A 168 10.48 21.29 3.77
N THR A 169 11.14 20.36 3.08
CA THR A 169 11.24 20.40 1.63
C THR A 169 10.63 19.17 0.97
N GLY A 170 10.21 18.22 1.78
CA GLY A 170 9.63 16.98 1.25
C GLY A 170 8.12 17.00 1.17
N ILE A 171 7.59 16.32 0.16
CA ILE A 171 6.15 16.26 -0.07
C ILE A 171 5.39 15.62 1.09
N GLU A 172 6.09 14.90 1.97
CA GLU A 172 5.45 14.25 3.11
C GLU A 172 4.90 15.24 4.13
N THR A 173 5.54 16.40 4.24
CA THR A 173 5.02 17.38 5.19
C THR A 173 3.89 18.18 4.57
N LYS A 174 2.71 18.07 5.16
CA LYS A 174 1.52 18.74 4.67
C LYS A 174 0.93 19.64 5.74
N GLY A 175 0.43 20.80 5.34
CA GLY A 175 -0.15 21.73 6.29
C GLY A 175 -1.26 22.57 5.69
N ILE A 176 -2.16 23.03 6.56
CA ILE A 176 -3.30 23.85 6.17
C ILE A 176 -2.95 25.33 6.09
N LEU A 177 -3.30 25.97 4.99
CA LEU A 177 -3.04 27.40 4.83
C LEU A 177 -4.05 28.22 5.65
N THR A 178 -3.56 29.10 6.52
CA THR A 178 -4.44 29.96 7.31
C THR A 178 -4.11 31.40 6.99
N LYS A 179 -4.90 32.33 7.50
CA LYS A 179 -4.69 33.75 7.26
C LYS A 179 -3.41 34.24 7.96
N GLN A 180 -2.87 33.41 8.84
CA GLN A 180 -1.66 33.76 9.58
C GLN A 180 -0.41 33.10 9.00
N THR A 181 -0.55 32.38 7.90
CA THR A 181 0.59 31.73 7.28
C THR A 181 1.46 32.78 6.62
N GLN A 182 2.76 32.76 6.89
CA GLN A 182 3.64 33.71 6.24
C GLN A 182 3.92 33.16 4.85
N ILE A 183 3.66 33.97 3.83
CA ILE A 183 3.89 33.53 2.46
C ILE A 183 5.07 34.27 1.86
N ASN A 184 6.03 33.51 1.36
CA ASN A 184 7.20 34.12 0.76
C ASN A 184 7.29 33.73 -0.71
N PHE A 185 7.27 34.74 -1.58
CA PHE A 185 7.36 34.51 -3.01
C PHE A 185 8.74 34.82 -3.58
N PHE A 186 9.09 34.07 -4.61
CA PHE A 186 10.36 34.25 -5.26
C PHE A 186 10.13 34.40 -6.76
N LYS A 187 10.43 35.59 -7.26
CA LYS A 187 10.27 35.90 -8.67
C LYS A 187 11.05 34.81 -9.37
N GLY A 188 10.30 33.90 -9.97
CA GLY A 188 10.87 32.77 -10.65
C GLY A 188 11.93 32.94 -11.70
N ARG A 189 13.10 32.39 -11.41
CA ARG A 189 14.23 32.37 -12.33
C ARG A 189 14.54 33.71 -13.00
N ASP B 2 13.32 5.96 0.20
CA ASP B 2 13.53 6.92 -0.91
C ASP B 2 13.29 6.21 -2.24
N THR B 3 12.47 6.83 -3.09
CA THR B 3 12.16 6.26 -4.40
C THR B 3 12.67 7.17 -5.50
N ARG B 4 13.25 8.29 -5.12
CA ARG B 4 13.79 9.24 -6.08
C ARG B 4 14.83 8.51 -6.90
N THR B 5 14.62 8.46 -8.21
CA THR B 5 15.59 7.79 -9.07
C THR B 5 16.68 8.76 -9.49
N ARG B 6 17.94 8.39 -9.23
CA ARG B 6 19.06 9.22 -9.64
C ARG B 6 19.47 8.92 -11.07
N HIS B 7 19.95 9.95 -11.76
CA HIS B 7 20.42 9.80 -13.12
C HIS B 7 21.91 10.05 -13.00
N LEU B 8 22.71 9.05 -13.35
CA LEU B 8 24.15 9.19 -13.22
C LEU B 8 24.89 8.78 -14.47
N LYS B 9 26.06 9.38 -14.68
CA LYS B 9 26.90 9.07 -15.82
C LYS B 9 27.99 8.08 -15.40
N VAL B 10 28.18 7.05 -16.19
CA VAL B 10 29.18 6.03 -15.92
C VAL B 10 30.60 6.50 -16.17
N SER B 11 31.48 6.22 -15.22
CA SER B 11 32.88 6.59 -15.33
C SER B 11 33.69 5.38 -14.93
N ASN B 12 34.93 5.30 -15.40
CA ASN B 12 35.82 4.20 -15.09
C ASN B 12 36.33 4.37 -13.66
N CYS B 13 36.44 3.26 -12.93
CA CYS B 13 36.91 3.28 -11.56
C CYS B 13 37.91 2.12 -11.42
N PRO B 14 39.15 2.31 -11.86
CA PRO B 14 40.19 1.28 -11.81
C PRO B 14 40.97 1.17 -10.50
N ASN B 15 40.77 2.10 -9.57
CA ASN B 15 41.51 2.04 -8.31
C ASN B 15 41.13 0.77 -7.55
N ASN B 16 42.12 -0.03 -7.17
CA ASN B 16 41.86 -1.30 -6.49
C ASN B 16 41.00 -1.29 -5.22
N SER B 17 40.89 -0.15 -4.55
CA SER B 17 40.05 -0.08 -3.36
C SER B 17 38.59 -0.29 -3.75
N TYR B 18 38.29 0.02 -5.02
CA TYR B 18 36.93 -0.13 -5.53
C TYR B 18 36.82 -1.27 -6.52
N ALA B 19 37.70 -1.27 -7.52
CA ALA B 19 37.69 -2.27 -8.59
C ALA B 19 37.65 -3.72 -8.16
N LEU B 20 38.23 -4.02 -7.00
CA LEU B 20 38.29 -5.39 -6.48
C LEU B 20 37.20 -5.68 -5.46
N ALA B 21 36.48 -4.66 -5.05
CA ALA B 21 35.44 -4.82 -4.04
C ALA B 21 34.04 -5.01 -4.63
N ASN B 22 33.95 -5.01 -5.96
CA ASN B 22 32.68 -5.16 -6.67
C ASN B 22 31.60 -4.25 -6.11
N VAL B 23 31.88 -2.95 -6.11
CA VAL B 23 30.90 -2.00 -5.61
C VAL B 23 30.62 -0.96 -6.68
N ALA B 24 29.64 -0.11 -6.42
CA ALA B 24 29.29 0.97 -7.31
C ALA B 24 29.80 2.22 -6.60
N ALA B 25 30.83 2.86 -7.15
CA ALA B 25 31.40 4.04 -6.53
C ALA B 25 30.44 5.21 -6.76
N VAL B 26 29.97 5.81 -5.68
CA VAL B 26 29.04 6.93 -5.79
C VAL B 26 29.46 8.11 -4.94
N SER B 27 28.91 9.29 -5.26
CA SER B 27 29.19 10.50 -4.51
C SER B 27 28.36 10.44 -3.25
N PRO B 28 28.90 10.94 -2.13
CA PRO B 28 28.16 10.92 -0.87
C PRO B 28 26.79 11.59 -0.93
N ASN B 29 26.62 12.54 -1.84
CA ASN B 29 25.34 13.26 -1.96
C ASN B 29 24.36 12.66 -2.96
N ASP B 30 24.71 11.54 -3.57
CA ASP B 30 23.81 10.90 -4.52
C ASP B 30 23.13 9.72 -3.86
N PHE B 31 23.91 8.97 -3.05
CA PHE B 31 23.41 7.79 -2.36
C PHE B 31 24.15 7.57 -1.04
N PRO B 32 23.50 6.93 -0.07
CA PRO B 32 24.22 6.69 1.18
C PRO B 32 25.23 5.57 0.93
N ASN B 33 26.14 5.36 1.85
CA ASN B 33 27.15 4.32 1.68
C ASN B 33 26.68 2.93 2.07
N ASN B 34 27.22 1.93 1.40
CA ASN B 34 26.91 0.54 1.70
C ASN B 34 25.43 0.14 1.70
N ILE B 35 24.69 0.54 0.67
CA ILE B 35 23.30 0.16 0.54
C ILE B 35 23.18 -0.45 -0.84
N TYR B 36 22.07 -1.13 -1.10
CA TYR B 36 21.86 -1.74 -2.39
C TYR B 36 21.20 -0.74 -3.33
N ILE B 37 21.66 -0.69 -4.58
CA ILE B 37 21.03 0.17 -5.57
C ILE B 37 20.88 -0.68 -6.83
N ILE B 38 19.90 -0.33 -7.67
CA ILE B 38 19.69 -1.07 -8.90
C ILE B 38 19.80 -0.10 -10.06
N ILE B 39 20.57 -0.47 -11.07
CA ILE B 39 20.78 0.39 -12.22
C ILE B 39 20.02 -0.11 -13.47
N ASP B 40 19.26 0.79 -14.08
CA ASP B 40 18.48 0.47 -15.27
C ASP B 40 17.52 -0.68 -15.02
N ASN B 41 17.00 -0.78 -13.81
CA ASN B 41 16.04 -1.83 -13.47
C ASN B 41 16.54 -3.25 -13.62
N LEU B 42 17.85 -3.45 -13.60
CA LEU B 42 18.38 -4.78 -13.78
C LEU B 42 19.61 -5.12 -12.95
N PHE B 43 20.55 -4.19 -12.88
CA PHE B 43 21.81 -4.44 -12.19
C PHE B 43 21.90 -3.91 -10.77
N VAL B 44 22.08 -4.83 -9.84
CA VAL B 44 22.18 -4.50 -8.42
C VAL B 44 23.60 -4.51 -7.91
N PHE B 45 23.98 -3.44 -7.21
CA PHE B 45 25.31 -3.34 -6.64
C PHE B 45 25.18 -2.73 -5.26
N THR B 46 26.24 -2.90 -4.47
CA THR B 46 26.29 -2.31 -3.14
C THR B 46 27.05 -1.02 -3.37
N THR B 47 26.60 0.07 -2.76
CA THR B 47 27.27 1.35 -2.96
C THR B 47 28.48 1.56 -2.08
N ARG B 48 29.37 2.43 -2.55
CA ARG B 48 30.54 2.82 -1.78
C ARG B 48 30.85 4.27 -2.07
N HIS B 49 30.86 5.07 -1.01
CA HIS B 49 31.17 6.48 -1.14
C HIS B 49 32.59 6.69 -1.65
N SER B 50 32.76 7.76 -2.39
CA SER B 50 34.05 8.16 -2.93
C SER B 50 34.05 9.68 -2.97
N ASN B 51 35.12 10.28 -2.46
CA ASN B 51 35.22 11.73 -2.47
C ASN B 51 35.84 12.21 -3.78
N ASP B 52 36.35 11.28 -4.58
CA ASP B 52 36.98 11.62 -5.85
C ASP B 52 36.07 11.33 -7.04
N ILE B 53 34.78 11.24 -6.79
CA ILE B 53 33.83 10.97 -7.86
C ILE B 53 32.78 12.09 -7.91
N PRO B 54 32.75 12.83 -9.04
CA PRO B 54 31.83 13.95 -9.27
C PRO B 54 30.37 13.62 -8.99
N PRO B 55 29.69 14.48 -8.19
CA PRO B 55 28.28 14.23 -7.89
C PRO B 55 27.53 14.16 -9.21
N GLY B 56 26.81 13.07 -9.43
CA GLY B 56 26.10 12.92 -10.68
C GLY B 56 26.71 11.83 -11.55
N THR B 57 27.81 11.25 -11.08
CA THR B 57 28.45 10.19 -11.82
C THR B 57 28.51 8.94 -10.94
N ILE B 58 28.76 7.80 -11.57
CA ILE B 58 28.86 6.53 -10.85
C ILE B 58 30.02 5.75 -11.49
N GLY B 59 30.93 5.28 -10.65
CA GLY B 59 32.09 4.55 -11.14
C GLY B 59 32.02 3.04 -11.09
N PHE B 60 32.45 2.41 -12.17
CA PHE B 60 32.46 0.97 -12.30
C PHE B 60 33.75 0.53 -12.96
N ASN B 61 34.18 -0.70 -12.67
CA ASN B 61 35.39 -1.21 -13.32
C ASN B 61 34.97 -1.73 -14.70
N GLY B 62 35.92 -2.15 -15.51
CA GLY B 62 35.60 -2.64 -16.85
C GLY B 62 34.60 -3.77 -16.94
N ASN B 63 34.69 -4.74 -16.04
CA ASN B 63 33.78 -5.89 -16.04
C ASN B 63 32.34 -5.51 -15.69
N GLN B 64 32.18 -4.63 -14.69
CA GLN B 64 30.85 -4.22 -14.30
C GLN B 64 30.19 -3.48 -15.46
N ARG B 65 30.97 -2.67 -16.19
CA ARG B 65 30.44 -1.93 -17.32
C ARG B 65 30.06 -2.89 -18.45
N THR B 66 30.88 -3.91 -18.65
CA THR B 66 30.58 -4.90 -19.68
C THR B 66 29.26 -5.58 -19.33
N TRP B 67 29.08 -5.89 -18.05
CA TRP B 67 27.87 -6.55 -17.59
C TRP B 67 26.65 -5.68 -17.86
N GLY B 68 26.71 -4.41 -17.47
CA GLY B 68 25.59 -3.52 -17.69
C GLY B 68 25.45 -3.05 -19.12
N GLY B 69 26.46 -3.31 -19.94
CA GLY B 69 26.44 -2.86 -21.32
C GLY B 69 26.56 -1.35 -21.39
N TRP B 70 27.25 -0.77 -20.40
CA TRP B 70 27.42 0.67 -20.35
C TRP B 70 28.76 1.12 -20.91
N SER B 71 28.72 2.19 -21.70
CA SER B 71 29.94 2.75 -22.24
C SER B 71 30.25 3.95 -21.36
N LEU B 72 31.47 4.49 -21.47
CA LEU B 72 31.85 5.63 -20.65
C LEU B 72 30.93 6.83 -20.90
N ASN B 73 30.54 7.50 -19.82
CA ASN B 73 29.67 8.67 -19.89
C ASN B 73 28.20 8.33 -20.16
N GLN B 74 27.92 7.06 -20.44
CA GLN B 74 26.54 6.66 -20.70
C GLN B 74 25.64 6.99 -19.51
N ASP B 75 24.54 7.67 -19.78
CA ASP B 75 23.62 8.03 -18.70
C ASP B 75 23.00 6.74 -18.21
N VAL B 76 22.70 6.68 -16.92
CA VAL B 76 22.13 5.47 -16.35
C VAL B 76 21.15 5.85 -15.24
N GLN B 77 20.18 4.98 -14.98
CA GLN B 77 19.19 5.23 -13.93
C GLN B 77 19.47 4.37 -12.70
N ALA B 78 19.52 5.00 -11.54
CA ALA B 78 19.81 4.28 -10.31
C ALA B 78 18.80 4.54 -9.20
N LYS B 79 18.40 3.47 -8.52
CA LYS B 79 17.43 3.57 -7.45
C LYS B 79 17.82 2.68 -6.28
N ALA B 80 17.44 3.11 -5.07
CA ALA B 80 17.72 2.31 -3.88
C ALA B 80 16.99 1.00 -4.17
N PHE B 81 17.60 -0.11 -3.75
CA PHE B 81 17.01 -1.43 -4.01
C PHE B 81 16.64 -2.14 -2.72
N ASP B 82 15.44 -2.69 -2.67
CA ASP B 82 15.00 -3.42 -1.49
C ASP B 82 14.96 -4.89 -1.90
N LEU B 83 16.00 -5.66 -1.56
CA LEU B 83 16.00 -7.07 -1.94
C LEU B 83 14.88 -7.87 -1.29
N PHE B 84 14.74 -7.70 0.03
CA PHE B 84 13.72 -8.42 0.79
C PHE B 84 12.31 -8.21 0.25
N LYS B 85 12.08 -7.05 -0.37
CA LYS B 85 10.77 -6.75 -0.94
C LYS B 85 10.72 -7.27 -2.37
N TYR B 86 11.88 -7.34 -3.01
CA TYR B 86 11.95 -7.83 -4.38
C TYR B 86 11.74 -9.34 -4.46
N SER B 87 12.62 -10.10 -3.80
CA SER B 87 12.53 -11.55 -3.83
C SER B 87 12.10 -12.24 -2.54
N GLY B 88 11.16 -11.62 -1.83
CA GLY B 88 10.63 -12.16 -0.58
C GLY B 88 11.45 -13.11 0.28
N LYS B 89 10.92 -14.32 0.48
CA LYS B 89 11.56 -15.33 1.32
C LYS B 89 12.92 -15.84 0.87
N GLN B 90 13.17 -15.95 -0.43
CA GLN B 90 14.46 -16.43 -0.90
C GLN B 90 15.48 -15.32 -1.19
N SER B 91 15.68 -14.45 -0.21
CA SER B 91 16.61 -13.33 -0.38
C SER B 91 18.07 -13.77 -0.30
N TYR B 92 18.32 -14.98 0.21
CA TYR B 92 19.68 -15.47 0.35
C TYR B 92 20.10 -16.55 -0.64
N LEU B 93 21.39 -16.56 -0.99
CA LEU B 93 21.98 -17.49 -1.95
C LEU B 93 22.39 -18.81 -1.27
N GLY B 94 21.79 -19.91 -1.71
CA GLY B 94 22.13 -21.21 -1.16
C GLY B 94 23.40 -21.70 -1.83
N SER B 95 23.54 -21.36 -3.11
CA SER B 95 24.72 -21.75 -3.86
C SER B 95 24.90 -20.79 -5.01
N ILE B 96 26.10 -20.79 -5.56
CA ILE B 96 26.41 -19.92 -6.68
C ILE B 96 27.55 -20.57 -7.48
N ASP B 97 27.35 -20.70 -8.78
CA ASP B 97 28.35 -21.29 -9.66
C ASP B 97 29.05 -20.19 -10.43
N ILE B 98 30.37 -20.20 -10.39
CA ILE B 98 31.14 -19.16 -11.04
C ILE B 98 32.17 -19.63 -12.05
N ASP B 99 32.16 -18.99 -13.21
CA ASP B 99 33.12 -19.26 -14.24
C ASP B 99 34.27 -18.31 -13.92
N ILE B 100 35.44 -18.86 -13.61
CA ILE B 100 36.60 -18.05 -13.25
C ILE B 100 37.76 -18.29 -14.22
N SER B 101 38.42 -17.20 -14.54
CA SER B 101 39.59 -17.23 -15.45
C SER B 101 40.54 -16.08 -15.10
N PHE B 102 41.82 -16.35 -15.28
CA PHE B 102 42.85 -15.35 -15.03
C PHE B 102 42.61 -14.20 -15.99
N ARG B 103 42.90 -13.03 -15.52
CA ARG B 103 42.66 -11.84 -16.31
C ARG B 103 43.78 -11.60 -17.29
N ALA B 104 43.25 -11.22 -18.38
CA ALA B 104 43.92 -10.86 -19.58
C ALA B 104 45.41 -10.61 -19.52
N ASP B 114 42.74 -23.72 -6.01
CA ASP B 114 42.16 -24.27 -4.80
C ASP B 114 40.70 -23.80 -4.62
N GLN B 115 39.75 -24.62 -5.04
CA GLN B 115 38.32 -24.30 -4.93
C GLN B 115 37.95 -23.74 -3.56
N ASP B 116 38.40 -24.42 -2.51
CA ASP B 116 38.12 -24.01 -1.13
C ASP B 116 38.67 -22.63 -0.81
N GLU B 117 39.87 -22.34 -1.31
CA GLU B 117 40.49 -21.05 -1.04
C GLU B 117 39.83 -19.93 -1.84
N LEU B 118 39.47 -20.23 -3.09
CA LEU B 118 38.81 -19.26 -3.93
C LEU B 118 37.47 -18.90 -3.28
N ALA B 119 36.79 -19.92 -2.76
CA ALA B 119 35.50 -19.74 -2.11
C ALA B 119 35.62 -18.85 -0.87
N LYS B 120 36.65 -19.08 -0.05
CA LYS B 120 36.86 -18.26 1.15
C LYS B 120 37.05 -16.81 0.76
N GLN B 121 37.94 -16.57 -0.19
CA GLN B 121 38.24 -15.21 -0.65
C GLN B 121 36.95 -14.54 -1.16
N PHE B 122 36.12 -15.30 -1.85
CA PHE B 122 34.88 -14.77 -2.38
C PHE B 122 33.98 -14.29 -1.26
N VAL B 123 33.78 -15.14 -0.25
CA VAL B 123 32.94 -14.78 0.89
C VAL B 123 33.59 -13.63 1.66
N ARG B 124 34.92 -13.63 1.74
CA ARG B 124 35.61 -12.57 2.47
C ARG B 124 35.40 -11.22 1.79
N CYS B 125 35.53 -11.17 0.48
CA CYS B 125 35.39 -9.90 -0.22
C CYS B 125 33.97 -9.45 -0.47
N TYR B 126 33.07 -10.40 -0.72
CA TYR B 126 31.72 -10.01 -1.07
C TYR B 126 30.55 -10.40 -0.19
N GLU B 127 30.80 -10.86 1.02
CA GLU B 127 29.71 -11.25 1.90
C GLU B 127 28.68 -10.12 2.01
N SER B 128 27.39 -10.50 2.01
CA SER B 128 26.28 -9.56 2.13
C SER B 128 25.98 -8.83 0.82
N GLN B 129 26.76 -9.11 -0.22
CA GLN B 129 26.52 -8.47 -1.49
C GLN B 129 25.48 -9.30 -2.22
N ILE B 130 24.75 -8.66 -3.12
CA ILE B 130 23.74 -9.34 -3.91
C ILE B 130 24.38 -9.77 -5.22
N PHE B 131 24.05 -10.97 -5.67
CA PHE B 131 24.57 -11.48 -6.92
C PHE B 131 23.44 -12.06 -7.73
N SER B 132 23.65 -12.12 -9.04
CA SER B 132 22.64 -12.67 -9.92
C SER B 132 23.32 -13.31 -11.13
N PRO B 133 22.68 -14.31 -11.73
CA PRO B 133 23.25 -14.97 -12.91
C PRO B 133 23.63 -13.90 -13.92
N THR B 134 24.67 -14.18 -14.71
CA THR B 134 25.21 -13.28 -15.74
C THR B 134 26.13 -12.20 -15.20
N GLN B 135 26.06 -11.92 -13.89
CA GLN B 135 26.91 -10.88 -13.32
C GLN B 135 28.38 -11.15 -13.59
N TYR B 136 29.09 -10.09 -13.98
CA TYR B 136 30.50 -10.16 -14.32
C TYR B 136 31.24 -9.29 -13.31
N LEU B 137 32.25 -9.84 -12.65
CA LEU B 137 33.01 -9.05 -11.68
C LEU B 137 34.48 -9.44 -11.67
N ILE B 138 35.29 -8.62 -11.02
CA ILE B 138 36.72 -8.88 -10.91
C ILE B 138 37.08 -9.22 -9.47
N MET B 139 37.84 -10.28 -9.29
CA MET B 139 38.27 -10.67 -7.94
C MET B 139 39.77 -10.93 -7.95
N GLU B 140 40.42 -10.45 -6.90
CA GLU B 140 41.85 -10.62 -6.73
C GLU B 140 42.04 -11.83 -5.82
N PHE B 141 43.02 -12.65 -6.15
CA PHE B 141 43.30 -13.83 -5.35
C PHE B 141 44.79 -14.11 -5.38
N GLN B 142 45.43 -13.92 -4.23
CA GLN B 142 46.86 -14.19 -4.06
C GLN B 142 47.67 -13.52 -5.16
N GLY B 143 47.55 -12.20 -5.28
CA GLY B 143 48.32 -11.45 -6.25
C GLY B 143 47.85 -11.50 -7.69
N HIS B 144 46.84 -12.31 -7.97
CA HIS B 144 46.34 -12.41 -9.33
C HIS B 144 44.91 -11.91 -9.45
N PHE B 145 44.60 -11.33 -10.61
CA PHE B 145 43.25 -10.83 -10.84
C PHE B 145 42.52 -11.86 -11.70
N PHE B 146 41.24 -12.06 -11.42
CA PHE B 146 40.44 -13.01 -12.17
C PHE B 146 39.11 -12.40 -12.58
N ASP B 147 38.58 -12.87 -13.68
CA ASP B 147 37.29 -12.43 -14.15
C ASP B 147 36.29 -13.50 -13.70
N LEU B 148 35.26 -13.07 -13.00
CA LEU B 148 34.26 -14.00 -12.52
C LEU B 148 32.93 -13.71 -13.17
N LYS B 149 32.31 -14.75 -13.70
CA LYS B 149 31.01 -14.62 -14.34
C LYS B 149 30.08 -15.54 -13.58
N ILE B 150 29.04 -14.98 -12.98
CA ILE B 150 28.11 -15.80 -12.24
C ILE B 150 27.29 -16.60 -13.24
N ARG B 151 27.49 -17.91 -13.24
CA ARG B 151 26.78 -18.78 -14.17
C ARG B 151 25.34 -18.98 -13.75
N ASN B 152 25.16 -19.47 -12.53
CA ASN B 152 23.82 -19.69 -12.02
C ASN B 152 23.80 -19.48 -10.53
N VAL B 153 22.58 -19.38 -10.01
CA VAL B 153 22.36 -19.15 -8.60
C VAL B 153 21.24 -20.05 -8.09
N GLN B 154 21.21 -20.24 -6.78
CA GLN B 154 20.15 -21.01 -6.16
C GLN B 154 19.89 -20.48 -4.76
N ALA B 155 18.70 -19.95 -4.56
CA ALA B 155 18.33 -19.38 -3.27
C ALA B 155 17.91 -20.45 -2.28
N ILE B 156 18.06 -20.13 -1.00
CA ILE B 156 17.65 -21.03 0.07
C ILE B 156 16.77 -20.22 1.02
N ASP B 157 15.46 -20.43 0.91
CA ASP B 157 14.46 -19.74 1.71
C ASP B 157 14.87 -19.49 3.16
N LEU B 158 14.21 -18.52 3.78
CA LEU B 158 14.47 -18.16 5.16
C LEU B 158 13.99 -19.29 6.07
N GLY B 159 14.90 -19.80 6.91
CA GLY B 159 14.52 -20.87 7.83
C GLY B 159 14.55 -22.28 7.25
N ASP B 160 15.22 -22.48 6.12
CA ASP B 160 15.31 -23.81 5.50
C ASP B 160 16.75 -24.29 5.55
N ILE B 161 16.93 -25.59 5.76
CA ILE B 161 18.27 -26.18 5.85
C ILE B 161 18.87 -26.40 4.47
N GLU B 162 18.00 -26.44 3.48
CA GLU B 162 18.42 -26.67 2.10
C GLU B 162 17.59 -25.84 1.13
N PRO B 163 18.03 -25.75 -0.13
CA PRO B 163 17.30 -24.99 -1.14
C PRO B 163 16.06 -25.76 -1.61
N THR B 164 15.11 -25.06 -2.20
CA THR B 164 13.92 -25.73 -2.71
C THR B 164 13.58 -25.26 -4.12
N SER B 165 13.88 -24.00 -4.44
CA SER B 165 13.61 -23.46 -5.76
C SER B 165 14.66 -24.03 -6.70
N ALA B 166 14.38 -24.06 -8.00
CA ALA B 166 15.40 -24.64 -8.87
C ALA B 166 16.55 -23.67 -9.14
N VAL B 167 17.66 -24.22 -9.60
CA VAL B 167 18.83 -23.43 -9.95
C VAL B 167 18.38 -22.42 -11.00
N ALA B 168 18.77 -21.16 -10.84
CA ALA B 168 18.38 -20.10 -11.77
C ALA B 168 19.54 -19.61 -12.64
N THR B 169 19.22 -19.29 -13.90
CA THR B 169 20.22 -18.82 -14.85
C THR B 169 19.93 -17.41 -15.34
N GLY B 170 18.78 -16.87 -14.97
CA GLY B 170 18.40 -15.55 -15.40
C GLY B 170 18.77 -14.44 -14.43
N ILE B 171 19.08 -13.26 -14.98
CA ILE B 171 19.49 -12.12 -14.18
C ILE B 171 18.40 -11.65 -13.20
N GLU B 172 17.15 -12.07 -13.44
CA GLU B 172 16.04 -11.68 -12.57
C GLU B 172 16.15 -12.26 -11.18
N THR B 173 16.78 -13.42 -11.04
CA THR B 173 16.91 -14.01 -9.72
C THR B 173 18.12 -13.40 -9.04
N LYS B 174 17.87 -12.75 -7.91
CA LYS B 174 18.92 -12.10 -7.13
C LYS B 174 18.93 -12.62 -5.70
N GLY B 175 20.13 -12.78 -5.14
CA GLY B 175 20.24 -13.27 -3.78
C GLY B 175 21.46 -12.73 -3.06
N ILE B 176 21.37 -12.71 -1.73
CA ILE B 176 22.44 -12.21 -0.87
C ILE B 176 23.47 -13.30 -0.55
N LEU B 177 24.74 -12.98 -0.72
CA LEU B 177 25.80 -13.94 -0.42
C LEU B 177 26.04 -14.00 1.10
N THR B 178 25.97 -15.20 1.67
CA THR B 178 26.20 -15.38 3.11
C THR B 178 27.38 -16.33 3.26
N LYS B 179 27.83 -16.52 4.50
CA LYS B 179 28.95 -17.41 4.79
C LYS B 179 28.54 -18.86 4.56
N GLN B 180 27.25 -19.11 4.41
CA GLN B 180 26.76 -20.47 4.21
C GLN B 180 26.44 -20.75 2.74
N THR B 181 26.73 -19.81 1.86
CA THR B 181 26.45 -20.00 0.44
C THR B 181 27.47 -20.97 -0.13
N GLN B 182 27.00 -22.00 -0.83
CA GLN B 182 27.94 -22.93 -1.44
C GLN B 182 28.45 -22.27 -2.71
N ILE B 183 29.76 -22.16 -2.84
CA ILE B 183 30.35 -21.53 -4.01
C ILE B 183 31.04 -22.58 -4.87
N ASN B 184 30.68 -22.64 -6.14
CA ASN B 184 31.28 -23.59 -7.05
C ASN B 184 31.99 -22.86 -8.17
N PHE B 185 33.28 -23.09 -8.31
CA PHE B 185 34.07 -22.45 -9.35
C PHE B 185 34.36 -23.41 -10.49
N PHE B 186 34.27 -22.91 -11.73
CA PHE B 186 34.54 -23.71 -12.92
C PHE B 186 35.51 -22.93 -13.83
N THR C 5 -10.94 -10.26 25.57
CA THR C 5 -10.77 -10.36 24.10
C THR C 5 -9.86 -11.53 23.70
N ARG C 6 -10.40 -12.49 22.94
CA ARG C 6 -9.61 -13.65 22.53
C ARG C 6 -8.94 -13.44 21.18
N HIS C 7 -7.78 -14.03 21.03
CA HIS C 7 -7.04 -13.99 19.77
C HIS C 7 -7.07 -15.43 19.29
N LEU C 8 -7.65 -15.64 18.13
CA LEU C 8 -7.78 -16.98 17.60
C LEU C 8 -7.34 -17.09 16.16
N LYS C 9 -6.85 -18.28 15.78
CA LYS C 9 -6.42 -18.53 14.42
C LYS C 9 -7.52 -19.25 13.68
N VAL C 10 -7.79 -18.78 12.46
CA VAL C 10 -8.84 -19.35 11.61
C VAL C 10 -8.45 -20.70 11.02
N SER C 11 -9.36 -21.66 11.12
CA SER C 11 -9.14 -22.98 10.56
C SER C 11 -10.39 -23.35 9.79
N ASN C 12 -10.25 -24.26 8.83
CA ASN C 12 -11.38 -24.70 8.02
C ASN C 12 -12.23 -25.63 8.86
N CYS C 13 -13.55 -25.55 8.70
CA CYS C 13 -14.49 -26.41 9.43
C CYS C 13 -15.53 -26.86 8.42
N PRO C 14 -15.20 -27.90 7.63
CA PRO C 14 -16.11 -28.42 6.61
C PRO C 14 -17.14 -29.46 7.05
N ASN C 15 -17.04 -29.92 8.30
CA ASN C 15 -17.98 -30.92 8.79
C ASN C 15 -19.39 -30.34 8.79
N ASN C 16 -20.33 -31.02 8.14
CA ASN C 16 -21.70 -30.52 8.04
C ASN C 16 -22.43 -30.15 9.34
N SER C 17 -22.01 -30.69 10.48
CA SER C 17 -22.69 -30.35 11.73
C SER C 17 -22.45 -28.89 12.03
N TYR C 18 -21.35 -28.36 11.49
CA TYR C 18 -21.00 -26.96 11.71
C TYR C 18 -21.19 -26.12 10.46
N ALA C 19 -20.60 -26.57 9.36
CA ALA C 19 -20.64 -25.87 8.08
C ALA C 19 -22.02 -25.42 7.59
N LEU C 20 -23.07 -26.16 7.95
CA LEU C 20 -24.43 -25.86 7.53
C LEU C 20 -25.22 -25.11 8.59
N ALA C 21 -24.65 -25.01 9.78
CA ALA C 21 -25.34 -24.35 10.89
C ALA C 21 -24.97 -22.88 11.05
N ASN C 22 -24.08 -22.39 10.18
CA ASN C 22 -23.62 -21.01 10.21
C ASN C 22 -23.21 -20.58 11.62
N VAL C 23 -22.25 -21.29 12.19
CA VAL C 23 -21.78 -20.97 13.52
C VAL C 23 -20.27 -20.79 13.48
N ALA C 24 -19.71 -20.34 14.59
CA ALA C 24 -18.27 -20.17 14.73
C ALA C 24 -17.86 -21.32 15.66
N ALA C 25 -17.12 -22.28 15.14
CA ALA C 25 -16.69 -23.43 15.93
C ALA C 25 -15.58 -22.97 16.88
N VAL C 26 -15.81 -23.11 18.18
CA VAL C 26 -14.82 -22.68 19.15
C VAL C 26 -14.52 -23.76 20.19
N SER C 27 -13.38 -23.61 20.85
CA SER C 27 -12.99 -24.54 21.90
C SER C 27 -13.78 -24.19 23.13
N PRO C 28 -14.19 -25.19 23.93
CA PRO C 28 -14.97 -24.94 25.14
C PRO C 28 -14.29 -23.98 26.12
N ASN C 29 -12.97 -23.92 26.09
CA ASN C 29 -12.25 -23.03 27.00
C ASN C 29 -11.93 -21.63 26.46
N ASP C 30 -12.41 -21.32 25.27
CA ASP C 30 -12.18 -20.00 24.70
C ASP C 30 -13.45 -19.17 24.83
N PHE C 31 -14.59 -19.81 24.61
CA PHE C 31 -15.89 -19.15 24.69
C PHE C 31 -16.98 -20.11 25.12
N PRO C 32 -18.04 -19.60 25.74
CA PRO C 32 -19.11 -20.53 26.13
C PRO C 32 -19.87 -20.90 24.85
N ASN C 33 -20.73 -21.91 24.94
CA ASN C 33 -21.48 -22.34 23.78
C ASN C 33 -22.74 -21.52 23.52
N ASN C 34 -23.10 -21.41 22.25
CA ASN C 34 -24.31 -20.69 21.85
C ASN C 34 -24.47 -19.25 22.34
N ILE C 35 -23.41 -18.45 22.22
CA ILE C 35 -23.49 -17.04 22.58
C ILE C 35 -23.03 -16.28 21.35
N TYR C 36 -23.26 -14.97 21.34
CA TYR C 36 -22.84 -14.16 20.21
C TYR C 36 -21.41 -13.68 20.42
N ILE C 37 -20.61 -13.71 19.37
CA ILE C 37 -19.25 -13.19 19.45
C ILE C 37 -19.04 -12.36 18.20
N ILE C 38 -18.15 -11.38 18.28
CA ILE C 38 -17.87 -10.54 17.13
C ILE C 38 -16.39 -10.64 16.81
N ILE C 39 -16.08 -10.87 15.53
CA ILE C 39 -14.70 -11.01 15.11
C ILE C 39 -14.19 -9.78 14.34
N ASP C 40 -13.05 -9.27 14.77
CA ASP C 40 -12.43 -8.11 14.15
C ASP C 40 -13.37 -6.90 14.15
N ASN C 41 -14.19 -6.78 15.19
CA ASN C 41 -15.10 -5.64 15.33
C ASN C 41 -16.11 -5.50 14.20
N LEU C 42 -16.39 -6.57 13.48
CA LEU C 42 -17.34 -6.47 12.38
C LEU C 42 -18.25 -7.68 12.18
N PHE C 43 -17.68 -8.87 12.27
CA PHE C 43 -18.43 -10.10 12.01
C PHE C 43 -18.96 -10.82 13.23
N VAL C 44 -20.29 -10.91 13.29
CA VAL C 44 -20.98 -11.55 14.40
C VAL C 44 -21.46 -12.95 14.06
N PHE C 45 -21.16 -13.88 14.94
CA PHE C 45 -21.57 -15.26 14.75
C PHE C 45 -22.03 -15.81 16.09
N THR C 46 -22.78 -16.91 16.05
CA THR C 46 -23.21 -17.59 17.25
C THR C 46 -22.16 -18.68 17.44
N THR C 47 -21.69 -18.88 18.66
CA THR C 47 -20.68 -19.88 18.91
C THR C 47 -21.22 -21.30 19.06
N ARG C 48 -20.34 -22.26 18.77
CA ARG C 48 -20.66 -23.66 18.95
C ARG C 48 -19.41 -24.39 19.40
N HIS C 49 -19.51 -25.04 20.55
CA HIS C 49 -18.40 -25.79 21.10
C HIS C 49 -18.04 -26.96 20.20
N SER C 50 -16.76 -27.28 20.17
CA SER C 50 -16.23 -28.39 19.39
C SER C 50 -15.07 -28.96 20.19
N ASN C 51 -15.05 -30.27 20.35
CA ASN C 51 -13.96 -30.92 21.09
C ASN C 51 -12.80 -31.23 20.16
N ASP C 52 -13.04 -31.09 18.86
CA ASP C 52 -11.99 -31.37 17.87
C ASP C 52 -11.36 -30.10 17.32
N ILE C 53 -11.46 -29.02 18.07
CA ILE C 53 -10.87 -27.76 17.64
C ILE C 53 -9.90 -27.25 18.70
N PRO C 54 -8.60 -27.16 18.35
CA PRO C 54 -7.53 -26.70 19.24
C PRO C 54 -7.81 -25.40 19.97
N PRO C 55 -7.63 -25.38 21.30
CA PRO C 55 -7.88 -24.14 22.04
C PRO C 55 -7.00 -23.05 21.44
N GLY C 56 -7.60 -21.93 21.05
CA GLY C 56 -6.83 -20.87 20.45
C GLY C 56 -7.13 -20.73 18.96
N THR C 57 -7.98 -21.61 18.45
CA THR C 57 -8.35 -21.55 17.04
C THR C 57 -9.87 -21.41 16.94
N ILE C 58 -10.33 -21.00 15.77
CA ILE C 58 -11.76 -20.82 15.53
C ILE C 58 -12.04 -21.34 14.13
N GLY C 59 -13.03 -22.22 14.01
CA GLY C 59 -13.35 -22.80 12.72
C GLY C 59 -14.53 -22.18 11.97
N PHE C 60 -14.31 -21.97 10.66
CA PHE C 60 -15.31 -21.39 9.79
C PHE C 60 -15.33 -22.15 8.47
N ASN C 61 -16.47 -22.16 7.79
CA ASN C 61 -16.54 -22.82 6.49
C ASN C 61 -15.97 -21.83 5.48
N GLY C 62 -15.84 -22.25 4.23
CA GLY C 62 -15.30 -21.38 3.21
C GLY C 62 -16.01 -20.04 3.00
N ASN C 63 -17.33 -20.04 3.04
CA ASN C 63 -18.10 -18.81 2.85
C ASN C 63 -17.90 -17.81 3.99
N GLN C 64 -17.90 -18.29 5.21
CA GLN C 64 -17.72 -17.41 6.36
C GLN C 64 -16.34 -16.77 6.29
N ARG C 65 -15.34 -17.52 5.84
CA ARG C 65 -13.98 -16.99 5.71
C ARG C 65 -13.92 -15.96 4.59
N THR C 66 -14.64 -16.22 3.50
CA THR C 66 -14.68 -15.27 2.40
C THR C 66 -15.31 -13.97 2.91
N TRP C 67 -16.36 -14.10 3.71
CA TRP C 67 -17.04 -12.93 4.25
C TRP C 67 -16.10 -12.10 5.12
N GLY C 68 -15.40 -12.76 6.04
CA GLY C 68 -14.49 -12.03 6.91
C GLY C 68 -13.17 -11.67 6.25
N GLY C 69 -12.93 -12.21 5.06
CA GLY C 69 -11.68 -11.92 4.37
C GLY C 69 -10.53 -12.58 5.09
N TRP C 70 -10.81 -13.70 5.75
CA TRP C 70 -9.78 -14.42 6.49
C TRP C 70 -9.20 -15.59 5.73
N SER C 71 -7.88 -15.72 5.77
CA SER C 71 -7.21 -16.83 5.12
C SER C 71 -6.92 -17.83 6.23
N LEU C 72 -6.57 -19.07 5.86
CA LEU C 72 -6.28 -20.08 6.87
C LEU C 72 -5.14 -19.65 7.79
N ASN C 73 -5.30 -19.90 9.08
CA ASN C 73 -4.31 -19.55 10.08
C ASN C 73 -4.25 -18.06 10.41
N GLN C 74 -4.99 -17.25 9.66
CA GLN C 74 -4.98 -15.81 9.92
C GLN C 74 -5.43 -15.52 11.36
N ASP C 75 -4.64 -14.74 12.08
CA ASP C 75 -4.99 -14.39 13.45
C ASP C 75 -6.23 -13.52 13.39
N VAL C 76 -7.08 -13.62 14.39
CA VAL C 76 -8.30 -12.84 14.38
C VAL C 76 -8.66 -12.47 15.82
N GLN C 77 -9.40 -11.37 15.99
CA GLN C 77 -9.81 -10.92 17.33
C GLN C 77 -11.27 -11.23 17.58
N ALA C 78 -11.57 -11.88 18.69
CA ALA C 78 -12.96 -12.23 19.01
C ALA C 78 -13.39 -11.78 20.39
N LYS C 79 -14.61 -11.25 20.48
CA LYS C 79 -15.15 -10.77 21.73
C LYS C 79 -16.62 -11.13 21.87
N ALA C 80 -17.05 -11.33 23.11
CA ALA C 80 -18.46 -11.62 23.37
C ALA C 80 -19.19 -10.42 22.80
N PHE C 81 -20.34 -10.65 22.19
CA PHE C 81 -21.11 -9.58 21.58
C PHE C 81 -22.46 -9.38 22.25
N ASP C 82 -22.79 -8.12 22.50
CA ASP C 82 -24.06 -7.77 23.11
C ASP C 82 -24.74 -6.87 22.07
N LEU C 83 -25.81 -7.36 21.45
CA LEU C 83 -26.52 -6.59 20.45
C LEU C 83 -26.96 -5.27 21.07
N PHE C 84 -27.58 -5.36 22.24
CA PHE C 84 -28.04 -4.19 22.95
C PHE C 84 -26.91 -3.18 23.14
N LYS C 85 -25.82 -3.63 23.75
CA LYS C 85 -24.69 -2.74 23.99
C LYS C 85 -24.14 -2.18 22.70
N TYR C 86 -24.18 -2.98 21.64
CA TYR C 86 -23.66 -2.57 20.34
C TYR C 86 -24.44 -1.49 19.62
N SER C 87 -25.73 -1.73 19.41
CA SER C 87 -26.58 -0.81 18.66
C SER C 87 -27.43 0.15 19.47
N GLY C 88 -27.62 -0.14 20.75
CA GLY C 88 -28.42 0.74 21.58
C GLY C 88 -29.71 0.09 22.01
N LYS C 89 -30.07 -1.00 21.34
CA LYS C 89 -31.28 -1.72 21.66
C LYS C 89 -31.31 -3.11 21.05
N GLN C 90 -32.21 -3.94 21.56
CA GLN C 90 -32.36 -5.29 21.05
C GLN C 90 -33.07 -5.16 19.73
N SER C 91 -32.32 -5.33 18.65
CA SER C 91 -32.87 -5.20 17.32
C SER C 91 -33.12 -6.55 16.69
N TYR C 92 -34.36 -6.72 16.24
CA TYR C 92 -34.78 -7.94 15.59
C TYR C 92 -34.99 -7.61 14.12
N LEU C 93 -34.81 -8.62 13.28
CA LEU C 93 -34.95 -8.46 11.86
C LEU C 93 -36.41 -8.52 11.42
N GLY C 94 -36.89 -7.43 10.81
CA GLY C 94 -38.25 -7.40 10.33
C GLY C 94 -38.30 -8.10 8.99
N SER C 95 -37.22 -7.97 8.23
CA SER C 95 -37.12 -8.62 6.94
C SER C 95 -35.66 -8.80 6.59
N ILE C 96 -35.41 -9.66 5.62
CA ILE C 96 -34.06 -9.93 5.18
C ILE C 96 -34.13 -10.43 3.74
N ASP C 97 -33.35 -9.81 2.87
CA ASP C 97 -33.31 -10.19 1.45
C ASP C 97 -32.04 -10.99 1.19
N ILE C 98 -32.20 -12.14 0.57
CA ILE C 98 -31.07 -13.00 0.33
C ILE C 98 -30.84 -13.42 -1.10
N ASP C 99 -29.60 -13.30 -1.54
CA ASP C 99 -29.22 -13.72 -2.87
C ASP C 99 -28.83 -15.18 -2.70
N ILE C 100 -29.57 -16.08 -3.33
CA ILE C 100 -29.31 -17.50 -3.20
C ILE C 100 -28.93 -18.16 -4.52
N SER C 101 -27.94 -19.05 -4.48
CA SER C 101 -27.50 -19.74 -5.68
C SER C 101 -26.95 -21.11 -5.34
N PHE C 102 -26.98 -22.02 -6.30
CA PHE C 102 -26.46 -23.37 -6.09
C PHE C 102 -24.95 -23.30 -5.96
N ARG C 103 -24.42 -24.01 -4.96
CA ARG C 103 -22.98 -24.02 -4.67
C ARG C 103 -22.27 -25.10 -5.50
N VAL C 112 -37.75 -25.82 -9.50
CA VAL C 112 -38.66 -24.73 -9.17
C VAL C 112 -37.96 -23.72 -8.26
N PHE C 113 -38.73 -22.82 -7.68
CA PHE C 113 -38.19 -21.81 -6.78
C PHE C 113 -39.18 -21.60 -5.65
N ASP C 114 -39.19 -22.52 -4.69
CA ASP C 114 -40.12 -22.40 -3.58
C ASP C 114 -39.61 -21.48 -2.48
N GLN C 115 -39.96 -20.22 -2.65
CA GLN C 115 -39.62 -19.17 -1.71
C GLN C 115 -40.06 -19.50 -0.28
N ASP C 116 -41.31 -19.94 -0.14
CA ASP C 116 -41.87 -20.29 1.16
C ASP C 116 -41.10 -21.40 1.88
N GLU C 117 -40.67 -22.41 1.13
CA GLU C 117 -39.93 -23.51 1.71
C GLU C 117 -38.51 -23.10 2.08
N LEU C 118 -37.88 -22.30 1.23
CA LEU C 118 -36.53 -21.83 1.51
C LEU C 118 -36.57 -20.98 2.78
N ALA C 119 -37.62 -20.17 2.91
CA ALA C 119 -37.78 -19.32 4.08
C ALA C 119 -37.94 -20.15 5.36
N LYS C 120 -38.75 -21.21 5.29
CA LYS C 120 -38.95 -22.08 6.46
C LYS C 120 -37.62 -22.68 6.90
N GLN C 121 -36.89 -23.25 5.96
CA GLN C 121 -35.61 -23.87 6.23
C GLN C 121 -34.66 -22.87 6.85
N PHE C 122 -34.70 -21.63 6.38
CA PHE C 122 -33.83 -20.59 6.90
C PHE C 122 -34.12 -20.32 8.35
N VAL C 123 -35.40 -20.16 8.68
CA VAL C 123 -35.79 -19.91 10.05
C VAL C 123 -35.48 -21.15 10.90
N ARG C 124 -35.69 -22.33 10.32
CA ARG C 124 -35.42 -23.55 11.07
C ARG C 124 -33.95 -23.71 11.44
N CYS C 125 -33.06 -23.41 10.50
CA CYS C 125 -31.64 -23.56 10.77
C CYS C 125 -31.02 -22.41 11.53
N TYR C 126 -31.49 -21.19 11.27
CA TYR C 126 -30.84 -20.04 11.89
C TYR C 126 -31.59 -19.14 12.85
N GLU C 127 -32.76 -19.57 13.31
CA GLU C 127 -33.52 -18.73 14.23
C GLU C 127 -32.67 -18.29 15.42
N SER C 128 -32.82 -17.04 15.82
CA SER C 128 -32.07 -16.46 16.94
C SER C 128 -30.65 -16.08 16.60
N GLN C 129 -30.24 -16.34 15.36
CA GLN C 129 -28.92 -15.95 14.94
C GLN C 129 -28.96 -14.51 14.49
N ILE C 130 -27.82 -13.84 14.56
CA ILE C 130 -27.73 -12.46 14.13
C ILE C 130 -27.23 -12.45 12.68
N PHE C 131 -27.81 -11.57 11.87
CA PHE C 131 -27.42 -11.44 10.48
C PHE C 131 -27.21 -10.00 10.15
N SER C 132 -26.40 -9.75 9.13
CA SER C 132 -26.14 -8.39 8.70
C SER C 132 -25.90 -8.37 7.20
N PRO C 133 -26.19 -7.25 6.55
CA PRO C 133 -25.97 -7.15 5.10
C PRO C 133 -24.54 -7.57 4.80
N THR C 134 -24.33 -8.14 3.61
CA THR C 134 -23.03 -8.63 3.13
C THR C 134 -22.66 -10.01 3.66
N GLN C 135 -23.31 -10.45 4.74
CA GLN C 135 -22.98 -11.76 5.30
C GLN C 135 -23.16 -12.85 4.27
N TYR C 136 -22.16 -13.74 4.22
CA TYR C 136 -22.13 -14.85 3.28
C TYR C 136 -22.20 -16.14 4.09
N LEU C 137 -23.14 -17.02 3.76
CA LEU C 137 -23.26 -18.27 4.49
C LEU C 137 -23.70 -19.42 3.59
N ILE C 138 -23.60 -20.64 4.10
CA ILE C 138 -23.99 -21.82 3.35
C ILE C 138 -25.22 -22.45 3.98
N MET C 139 -26.21 -22.78 3.16
CA MET C 139 -27.42 -23.41 3.67
C MET C 139 -27.75 -24.59 2.81
N GLU C 140 -28.11 -25.66 3.48
CA GLU C 140 -28.55 -26.88 2.81
C GLU C 140 -30.06 -26.92 2.66
N PHE C 141 -30.53 -27.32 1.54
CA PHE C 141 -31.96 -27.37 1.31
C PHE C 141 -32.30 -28.55 0.42
N GLN C 142 -33.00 -29.52 1.01
CA GLN C 142 -33.40 -30.73 0.30
C GLN C 142 -32.27 -31.37 -0.49
N GLY C 143 -31.20 -31.72 0.22
CA GLY C 143 -30.08 -32.39 -0.42
C GLY C 143 -29.12 -31.52 -1.22
N HIS C 144 -29.43 -30.24 -1.36
CA HIS C 144 -28.57 -29.35 -2.11
C HIS C 144 -27.98 -28.26 -1.23
N PHE C 145 -26.76 -27.85 -1.56
CA PHE C 145 -26.10 -26.80 -0.81
C PHE C 145 -26.24 -25.51 -1.60
N PHE C 146 -26.45 -24.40 -0.90
CA PHE C 146 -26.60 -23.11 -1.57
C PHE C 146 -25.75 -22.06 -0.87
N ASP C 147 -25.33 -21.07 -1.64
CA ASP C 147 -24.57 -19.97 -1.09
C ASP C 147 -25.58 -18.85 -0.89
N LEU C 148 -25.63 -18.32 0.33
CA LEU C 148 -26.53 -17.23 0.63
C LEU C 148 -25.75 -15.99 0.97
N LYS C 149 -26.12 -14.89 0.36
CA LYS C 149 -25.48 -13.61 0.60
C LYS C 149 -26.59 -12.68 1.06
N ILE C 150 -26.47 -12.16 2.27
CA ILE C 150 -27.49 -11.26 2.77
C ILE C 150 -27.35 -9.94 2.04
N ARG C 151 -28.36 -9.62 1.22
CA ARG C 151 -28.34 -8.39 0.44
C ARG C 151 -28.63 -7.18 1.31
N ASN C 152 -29.76 -7.21 1.99
CA ASN C 152 -30.14 -6.11 2.87
C ASN C 152 -30.96 -6.63 4.02
N VAL C 153 -31.12 -5.77 5.02
CA VAL C 153 -31.86 -6.10 6.22
C VAL C 153 -32.78 -4.93 6.62
N GLN C 154 -33.81 -5.24 7.41
CA GLN C 154 -34.76 -4.25 7.91
C GLN C 154 -34.99 -4.56 9.40
N ALA C 155 -34.39 -3.76 10.26
CA ALA C 155 -34.50 -3.97 11.70
C ALA C 155 -35.79 -3.44 12.32
N ILE C 156 -36.14 -4.00 13.47
CA ILE C 156 -37.32 -3.62 14.21
C ILE C 156 -36.98 -3.77 15.68
N ASP C 157 -37.16 -2.72 16.45
CA ASP C 157 -36.88 -2.76 17.89
C ASP C 157 -37.76 -3.86 18.49
N LEU C 158 -37.21 -4.57 19.47
CA LEU C 158 -37.90 -5.66 20.16
C LEU C 158 -39.43 -5.61 20.23
N GLY C 159 -39.98 -4.63 20.96
CA GLY C 159 -41.42 -4.54 21.09
C GLY C 159 -42.22 -3.81 20.03
N ASP C 160 -41.57 -3.26 19.01
CA ASP C 160 -42.30 -2.52 17.97
C ASP C 160 -43.12 -3.44 17.08
N ILE C 161 -44.24 -2.92 16.58
CA ILE C 161 -45.15 -3.68 15.72
C ILE C 161 -44.74 -3.52 14.27
N GLU C 162 -43.81 -2.61 14.02
CA GLU C 162 -43.37 -2.33 12.68
C GLU C 162 -42.00 -1.66 12.70
N PRO C 163 -41.28 -1.71 11.57
CA PRO C 163 -39.95 -1.09 11.51
C PRO C 163 -39.97 0.42 11.68
N THR C 164 -38.87 0.97 12.18
CA THR C 164 -38.77 2.40 12.38
C THR C 164 -37.56 2.98 11.60
N SER C 165 -36.80 2.09 10.97
CA SER C 165 -35.67 2.54 10.17
C SER C 165 -35.79 1.96 8.75
N ALA C 166 -35.09 2.57 7.80
CA ALA C 166 -35.12 2.14 6.42
C ALA C 166 -34.33 0.85 6.19
N VAL C 167 -34.55 0.23 5.04
CA VAL C 167 -33.83 -0.99 4.67
C VAL C 167 -32.34 -0.64 4.71
N ALA C 168 -31.54 -1.52 5.30
CA ALA C 168 -30.10 -1.29 5.42
C ALA C 168 -29.27 -2.21 4.54
N THR C 169 -28.18 -1.67 3.99
CA THR C 169 -27.30 -2.42 3.11
C THR C 169 -25.89 -2.55 3.68
N GLY C 170 -25.63 -1.88 4.79
CA GLY C 170 -24.31 -1.92 5.38
C GLY C 170 -24.16 -2.96 6.48
N ILE C 171 -22.96 -3.53 6.59
CA ILE C 171 -22.66 -4.55 7.56
C ILE C 171 -22.84 -4.07 9.01
N GLU C 172 -22.90 -2.75 9.23
CA GLU C 172 -23.05 -2.20 10.57
C GLU C 172 -24.42 -2.52 11.16
N THR C 173 -25.44 -2.63 10.33
CA THR C 173 -26.75 -2.95 10.84
C THR C 173 -26.90 -4.44 11.07
N LYS C 174 -27.09 -4.81 12.32
CA LYS C 174 -27.21 -6.22 12.70
C LYS C 174 -28.55 -6.47 13.39
N GLY C 175 -29.15 -7.62 13.11
CA GLY C 175 -30.41 -7.96 13.73
C GLY C 175 -30.61 -9.45 13.94
N ILE C 176 -31.44 -9.78 14.92
CA ILE C 176 -31.74 -11.16 15.28
C ILE C 176 -32.86 -11.75 14.43
N LEU C 177 -32.63 -12.93 13.86
CA LEU C 177 -33.64 -13.59 13.05
C LEU C 177 -34.72 -14.23 13.94
N THR C 178 -35.98 -13.89 13.71
CA THR C 178 -37.08 -14.47 14.48
C THR C 178 -38.02 -15.17 13.52
N LYS C 179 -38.99 -15.89 14.06
CA LYS C 179 -39.96 -16.61 13.23
C LYS C 179 -40.86 -15.65 12.48
N GLN C 180 -40.83 -14.37 12.86
CA GLN C 180 -41.66 -13.36 12.21
C GLN C 180 -40.88 -12.53 11.21
N THR C 181 -39.61 -12.87 10.97
CA THR C 181 -38.81 -12.13 10.01
C THR C 181 -39.26 -12.46 8.61
N GLN C 182 -39.52 -11.46 7.79
CA GLN C 182 -39.91 -11.74 6.42
C GLN C 182 -38.63 -12.03 5.66
N ILE C 183 -38.59 -13.19 5.01
CA ILE C 183 -37.40 -13.56 4.26
C ILE C 183 -37.68 -13.51 2.77
N ASN C 184 -36.84 -12.77 2.04
CA ASN C 184 -37.01 -12.67 0.60
C ASN C 184 -35.79 -13.21 -0.11
N PHE C 185 -36.01 -14.20 -0.97
CA PHE C 185 -34.92 -14.82 -1.70
C PHE C 185 -34.91 -14.34 -3.14
N PHE C 186 -33.72 -14.04 -3.65
CA PHE C 186 -33.56 -13.57 -5.03
C PHE C 186 -32.54 -14.44 -5.74
N LYS C 187 -32.64 -14.46 -7.07
CA LYS C 187 -31.73 -15.21 -7.93
C LYS C 187 -32.17 -16.66 -7.94
#